data_8BAC
#
_entry.id   8BAC
#
_cell.length_a   44.838
_cell.length_b   71.188
_cell.length_c   78.628
_cell.angle_alpha   90.000
_cell.angle_beta   98.375
_cell.angle_gamma   90.000
#
_symmetry.space_group_name_H-M   'P 1 21 1'
#
loop_
_entity.id
_entity.type
_entity.pdbx_description
1 polymer 'Heparanase 50 kDa subunit'
2 polymer 'Heparanase 8 kDa subunit'
3 non-polymer 2-acetamido-2-deoxy-beta-D-glucopyranose
4 non-polymer 1,2-ETHANEDIOL
5 non-polymer '(3S,4R,5R)-4,5-dihydroxypiperidine-3-carboxylic acid'
6 water water
#
loop_
_entity_poly.entity_id
_entity_poly.type
_entity_poly.pdbx_seq_one_letter_code
_entity_poly.pdbx_strand_id
1 'polypeptide(L)'
;DPGKKFKNSTYSRSSVDVLYTFANCSGLDLIFGLNALLRTADLQWNSSNAQLLLDYCSSKGYNISWELGNEPNSFLKKAD
IFINGSQLGEDFIQLHKLLRKSTFKNAKLYGPDVGQPRRKTAKMLKSFLKAGGEVIDSVTWHHYYLNGRTATREDFLNPD
VLDIFISSVQKVFQVVESTRPGKKVWLGETSSAYGGGAPLLSDTFAAGFMWLDKLGLSARMGIEVVMRQVFFGAGNYHLV
DENFDPLPDYWLSLLFKKLVGTKVLMASVQGSKRRKLRVYLHCTNTDNPRYKEGDLTLYAINLHNVTKYLRLPYPFSNKQ
VDKYLLRPLGPHGLLSKSVQLNGLTLKMVDDQTLPPLMEKPLRPGSSLGLPAFSYSFFVIRNAKVAACI
;
AAA
2 'polypeptide(L)' QDVVDLDFFTQEPLHLVSPSFLSVTIDANLATDPRFLILLGSPKLRTLARGLSPAYLRFGGTKTDFLIFDPKKE BBB
#
# COMPACT_ATOMS: atom_id res chain seq x y z
N LYS A 5 -25.76 10.50 6.00
CA LYS A 5 -24.96 9.62 6.89
C LYS A 5 -23.87 10.46 7.59
N PHE A 6 -22.76 10.77 6.90
CA PHE A 6 -21.57 11.48 7.45
C PHE A 6 -21.80 13.00 7.51
N LYS A 7 -21.55 13.63 8.68
CA LYS A 7 -21.68 15.10 8.90
C LYS A 7 -20.32 15.74 9.15
N ASN A 8 -20.28 17.08 9.11
CA ASN A 8 -19.03 17.88 9.20
C ASN A 8 -18.51 17.83 10.64
N SER A 9 -17.19 17.74 10.79
CA SER A 9 -16.42 17.78 12.06
C SER A 9 -15.27 18.77 11.91
N THR A 10 -14.88 19.40 13.01
CA THR A 10 -13.68 20.28 13.06
C THR A 10 -12.51 19.46 13.61
N TYR A 11 -11.29 19.98 13.44
CA TYR A 11 -10.05 19.46 14.08
C TYR A 11 -9.14 20.65 14.41
N SER A 12 -8.29 20.44 15.42
CA SER A 12 -7.50 21.50 16.05
C SER A 12 -6.11 21.55 15.42
N ARG A 13 -5.42 22.69 15.53
CA ARG A 13 -3.98 22.76 15.24
C ARG A 13 -3.32 21.58 15.94
N SER A 14 -3.78 21.27 17.13
CA SER A 14 -3.28 20.16 17.98
C SER A 14 -3.28 18.84 17.20
N SER A 15 -4.46 18.47 16.68
CA SER A 15 -4.66 17.27 15.83
C SER A 15 -3.49 17.17 14.85
N VAL A 16 -3.30 18.23 14.08
CA VAL A 16 -2.23 18.38 13.05
C VAL A 16 -0.87 18.00 13.65
N ASP A 17 -0.49 18.63 14.76
CA ASP A 17 0.84 18.42 15.41
C ASP A 17 1.01 16.94 15.76
N VAL A 18 -0.07 16.27 16.19
CA VAL A 18 -0.03 14.83 16.58
C VAL A 18 0.44 14.06 15.34
N LEU A 19 -0.31 14.25 14.27
CA LEU A 19 -0.17 13.50 13.00
C LEU A 19 1.20 13.80 12.41
N TYR A 20 1.66 15.05 12.45
CA TYR A 20 2.98 15.44 11.89
C TYR A 20 4.09 14.77 12.68
N THR A 21 4.01 14.80 14.01
CA THR A 21 5.11 14.33 14.88
C THR A 21 5.14 12.80 14.78
N PHE A 22 3.96 12.20 14.67
CA PHE A 22 3.83 10.73 14.46
C PHE A 22 4.68 10.35 13.24
N ALA A 23 4.41 10.96 12.09
CA ALA A 23 5.09 10.68 10.81
C ALA A 23 6.57 11.07 10.89
N ASN A 24 6.84 12.28 11.40
CA ASN A 24 8.21 12.85 11.50
C ASN A 24 9.12 11.87 12.26
N CYS A 25 8.76 11.53 13.49
CA CYS A 25 9.60 10.70 14.40
C CYS A 25 9.54 9.22 13.98
N SER A 26 8.64 8.87 13.06
CA SER A 26 8.52 7.51 12.48
C SER A 26 9.31 7.39 11.17
N GLY A 27 9.58 8.53 10.51
CA GLY A 27 10.39 8.59 9.28
C GLY A 27 9.56 8.32 8.03
N LEU A 28 8.37 8.90 7.97
CA LEU A 28 7.44 8.72 6.83
C LEU A 28 7.02 10.09 6.30
N ASP A 29 6.46 10.13 5.09
CA ASP A 29 6.23 11.35 4.31
C ASP A 29 4.73 11.65 4.32
N LEU A 30 4.31 12.51 5.23
CA LEU A 30 2.86 12.71 5.42
C LEU A 30 2.28 13.23 4.11
N ILE A 31 1.23 12.58 3.62
CA ILE A 31 0.30 13.10 2.58
C ILE A 31 -1.03 13.40 3.26
N PHE A 32 -1.50 14.64 3.15
CA PHE A 32 -2.70 15.15 3.83
C PHE A 32 -3.79 15.43 2.80
N GLY A 33 -4.95 14.78 2.94
CA GLY A 33 -6.10 14.94 2.03
C GLY A 33 -7.00 16.07 2.49
N LEU A 34 -7.23 17.08 1.66
CA LEU A 34 -8.04 18.28 2.03
C LEU A 34 -9.50 18.10 1.64
N ASN A 35 -10.39 18.76 2.40
CA ASN A 35 -11.86 18.74 2.22
C ASN A 35 -12.19 19.43 0.89
N ALA A 36 -12.84 18.69 -0.01
CA ALA A 36 -13.20 19.12 -1.37
C ALA A 36 -14.71 19.41 -1.48
N LEU A 37 -15.50 19.18 -0.44
CA LEU A 37 -16.97 19.46 -0.48
C LEU A 37 -17.28 20.83 0.14
N LEU A 38 -16.25 21.65 0.38
CA LEU A 38 -16.38 23.09 0.70
C LEU A 38 -16.59 23.85 -0.61
N ARG A 39 -17.80 24.37 -0.83
CA ARG A 39 -18.26 24.82 -2.16
C ARG A 39 -18.72 26.28 -2.13
N THR A 40 -18.41 27.01 -3.21
CA THR A 40 -18.91 28.39 -3.50
C THR A 40 -20.19 28.26 -4.31
N ALA A 41 -20.99 29.32 -4.36
CA ALA A 41 -22.34 29.37 -4.99
C ALA A 41 -22.31 28.57 -6.29
N ASP A 42 -21.34 28.88 -7.16
CA ASP A 42 -21.19 28.32 -8.52
C ASP A 42 -20.54 26.92 -8.46
N LEU A 43 -20.62 26.24 -7.32
CA LEU A 43 -20.05 24.87 -7.09
C LEU A 43 -18.56 24.88 -7.48
N GLN A 44 -17.84 25.93 -7.12
CA GLN A 44 -16.37 25.96 -7.21
C GLN A 44 -15.84 25.48 -5.88
N TRP A 45 -14.58 25.07 -5.81
CA TRP A 45 -13.93 24.78 -4.52
C TRP A 45 -13.64 26.09 -3.80
N ASN A 46 -14.29 26.30 -2.63
CA ASN A 46 -13.95 27.36 -1.64
C ASN A 46 -12.64 26.96 -0.94
N SER A 47 -11.55 27.69 -1.22
CA SER A 47 -10.15 27.34 -0.88
C SER A 47 -9.72 27.92 0.47
N SER A 48 -10.57 28.74 1.13
CA SER A 48 -10.21 29.62 2.27
C SER A 48 -9.75 28.77 3.45
N ASN A 49 -10.48 27.69 3.72
CA ASN A 49 -10.23 26.83 4.90
C ASN A 49 -8.84 26.22 4.75
N ALA A 50 -8.63 25.48 3.68
CA ALA A 50 -7.30 24.89 3.36
C ALA A 50 -6.25 25.99 3.56
N GLN A 51 -6.51 27.18 3.02
CA GLN A 51 -5.59 28.34 3.06
C GLN A 51 -5.17 28.57 4.52
N LEU A 52 -6.14 28.61 5.43
CA LEU A 52 -5.87 28.74 6.88
C LEU A 52 -4.87 27.62 7.29
N LEU A 53 -5.20 26.38 6.95
CA LEU A 53 -4.40 25.19 7.36
C LEU A 53 -2.98 25.30 6.81
N LEU A 54 -2.82 25.72 5.56
CA LEU A 54 -1.47 25.81 4.94
C LEU A 54 -0.65 26.85 5.71
N ASP A 55 -1.28 27.99 6.05
CA ASP A 55 -0.61 29.08 6.81
C ASP A 55 -0.01 28.48 8.06
N TYR A 56 -0.79 27.69 8.80
CA TYR A 56 -0.34 27.08 10.07
C TYR A 56 0.80 26.09 9.82
N CYS A 57 0.65 25.22 8.82
CA CYS A 57 1.66 24.18 8.45
C CYS A 57 2.96 24.87 8.00
N SER A 58 2.82 25.82 7.08
CA SER A 58 3.89 26.75 6.66
C SER A 58 4.50 27.40 7.89
N SER A 59 3.66 27.95 8.77
CA SER A 59 4.06 28.72 9.98
C SER A 59 4.69 27.82 11.04
N LYS A 60 4.83 26.51 10.76
CA LYS A 60 5.50 25.54 11.68
C LYS A 60 6.70 24.88 10.98
N GLY A 61 6.91 25.15 9.68
CA GLY A 61 7.97 24.53 8.87
C GLY A 61 7.70 23.04 8.63
N TYR A 62 6.43 22.68 8.39
CA TYR A 62 5.97 21.27 8.22
C TYR A 62 6.16 20.81 6.78
N ASN A 63 7.09 19.87 6.57
CA ASN A 63 7.38 19.16 5.29
C ASN A 63 6.23 18.17 4.99
N ILE A 64 5.23 18.59 4.21
CA ILE A 64 3.94 17.85 4.03
C ILE A 64 3.52 17.87 2.55
N SER A 65 3.01 16.75 2.03
CA SER A 65 2.37 16.68 0.68
C SER A 65 0.84 16.61 0.82
N TRP A 66 0.12 16.76 -0.30
CA TRP A 66 -1.32 17.15 -0.31
C TRP A 66 -2.14 16.30 -1.30
N GLU A 67 -3.41 16.08 -0.93
CA GLU A 67 -4.49 15.57 -1.81
C GLU A 67 -5.70 16.47 -1.63
N LEU A 68 -6.66 16.41 -2.57
CA LEU A 68 -7.95 17.14 -2.55
C LEU A 68 -9.08 16.18 -2.95
N GLY A 69 -9.99 15.93 -2.00
CA GLY A 69 -11.09 14.95 -2.18
C GLY A 69 -10.61 13.53 -1.99
N ASN A 70 -11.52 12.68 -1.50
CA ASN A 70 -11.39 11.19 -1.45
C ASN A 70 -12.64 10.63 -2.13
N GLU A 71 -12.44 9.63 -3.00
CA GLU A 71 -13.53 8.92 -3.74
C GLU A 71 -14.60 9.93 -4.14
N PRO A 72 -14.24 10.89 -5.03
CA PRO A 72 -15.18 11.88 -5.54
C PRO A 72 -16.40 11.36 -6.33
N ASN A 73 -16.33 10.13 -6.84
CA ASN A 73 -17.44 9.43 -7.54
C ASN A 73 -18.65 9.30 -6.60
N SER A 74 -18.40 9.26 -5.28
CA SER A 74 -19.40 8.96 -4.21
C SER A 74 -20.13 10.21 -3.74
N PHE A 75 -19.61 11.40 -4.05
CA PHE A 75 -20.11 12.66 -3.44
C PHE A 75 -21.64 12.71 -3.54
N LEU A 76 -22.20 12.33 -4.70
CA LEU A 76 -23.67 12.37 -4.94
C LEU A 76 -24.34 11.45 -3.93
N LYS A 77 -23.95 10.17 -3.92
CA LYS A 77 -24.34 9.20 -2.87
C LYS A 77 -24.02 9.79 -1.50
N LYS A 78 -22.80 10.30 -1.30
CA LYS A 78 -22.30 10.73 0.03
C LYS A 78 -23.00 12.02 0.50
N ALA A 79 -22.94 13.13 -0.25
CA ALA A 79 -23.42 14.46 0.19
C ALA A 79 -24.37 15.09 -0.83
N ASP A 80 -25.18 14.27 -1.53
CA ASP A 80 -26.18 14.76 -2.52
C ASP A 80 -25.60 15.97 -3.25
N ILE A 81 -24.34 15.85 -3.68
CA ILE A 81 -23.57 16.86 -4.45
C ILE A 81 -22.78 16.12 -5.55
N PHE A 82 -23.03 16.40 -6.83
CA PHE A 82 -22.25 15.85 -7.98
C PHE A 82 -21.28 16.90 -8.54
N ILE A 83 -19.98 16.57 -8.52
CA ILE A 83 -18.88 17.35 -9.17
C ILE A 83 -18.36 16.57 -10.39
N ASN A 84 -18.53 17.11 -11.60
CA ASN A 84 -17.95 16.51 -12.84
C ASN A 84 -16.43 16.52 -12.69
N GLY A 85 -15.74 15.56 -13.31
CA GLY A 85 -14.27 15.44 -13.24
C GLY A 85 -13.57 16.69 -13.77
N SER A 86 -14.18 17.38 -14.74
CA SER A 86 -13.67 18.66 -15.31
C SER A 86 -13.43 19.68 -14.19
N GLN A 87 -14.47 19.94 -13.37
CA GLN A 87 -14.48 20.94 -12.27
C GLN A 87 -13.43 20.58 -11.23
N LEU A 88 -13.32 19.28 -10.95
CA LEU A 88 -12.38 18.75 -9.94
C LEU A 88 -10.96 19.04 -10.44
N GLY A 89 -10.73 18.86 -11.74
CA GLY A 89 -9.49 19.27 -12.43
C GLY A 89 -9.24 20.75 -12.21
N GLU A 90 -10.26 21.59 -12.38
CA GLU A 90 -10.19 23.06 -12.23
C GLU A 90 -9.84 23.41 -10.78
N ASP A 91 -10.43 22.70 -9.83
CA ASP A 91 -10.15 22.89 -8.38
C ASP A 91 -8.71 22.46 -8.09
N PHE A 92 -8.21 21.39 -8.71
CA PHE A 92 -6.82 20.92 -8.48
C PHE A 92 -5.83 22.04 -8.81
N ILE A 93 -6.13 22.81 -9.86
CA ILE A 93 -5.29 23.91 -10.39
C ILE A 93 -5.31 25.06 -9.38
N GLN A 94 -6.52 25.44 -8.91
CA GLN A 94 -6.72 26.48 -7.87
C GLN A 94 -5.79 26.15 -6.70
N LEU A 95 -5.70 24.87 -6.34
CA LEU A 95 -4.89 24.39 -5.20
C LEU A 95 -3.40 24.43 -5.56
N HIS A 96 -3.05 24.03 -6.76
CA HIS A 96 -1.63 24.08 -7.21
C HIS A 96 -1.12 25.53 -7.13
N LYS A 97 -1.94 26.52 -7.54
CA LYS A 97 -1.61 27.96 -7.39
C LYS A 97 -1.30 28.27 -5.92
N LEU A 98 -2.22 27.89 -5.03
CA LEU A 98 -2.10 28.15 -3.58
C LEU A 98 -0.82 27.54 -3.05
N LEU A 99 -0.45 26.35 -3.52
CA LEU A 99 0.80 25.65 -3.10
C LEU A 99 2.01 26.44 -3.62
N ARG A 100 1.94 26.93 -4.86
CA ARG A 100 3.04 27.68 -5.54
C ARG A 100 3.28 29.01 -4.80
N LYS A 101 2.21 29.70 -4.37
CA LYS A 101 2.28 30.94 -3.54
C LYS A 101 2.40 30.60 -2.06
N SER A 102 3.10 29.53 -1.70
CA SER A 102 3.36 29.06 -0.32
C SER A 102 4.87 28.90 -0.09
N THR A 103 5.27 28.56 1.14
CA THR A 103 6.69 28.52 1.55
C THR A 103 7.36 27.26 0.95
N PHE A 104 6.67 26.12 0.94
CA PHE A 104 7.06 24.89 0.19
C PHE A 104 6.27 24.86 -1.13
N LYS A 105 6.73 25.64 -2.12
CA LYS A 105 6.06 25.76 -3.45
C LYS A 105 6.46 24.57 -4.33
N ASN A 106 7.35 23.70 -3.83
CA ASN A 106 7.80 22.46 -4.53
C ASN A 106 6.96 21.26 -4.06
N ALA A 107 6.25 21.43 -2.94
CA ALA A 107 5.35 20.42 -2.36
C ALA A 107 4.57 19.71 -3.47
N LYS A 108 4.47 18.38 -3.35
CA LYS A 108 3.83 17.44 -4.31
C LYS A 108 2.32 17.47 -4.11
N LEU A 109 1.56 17.25 -5.19
CA LEU A 109 0.07 17.23 -5.21
C LEU A 109 -0.43 15.96 -5.92
N TYR A 110 -1.21 15.12 -5.24
CA TYR A 110 -1.67 13.79 -5.76
C TYR A 110 -3.20 13.72 -5.84
N GLY A 111 -3.76 12.96 -6.78
CA GLY A 111 -5.22 12.89 -6.95
C GLY A 111 -5.65 12.11 -8.19
N PRO A 112 -6.97 11.86 -8.40
CA PRO A 112 -8.03 12.33 -7.51
C PRO A 112 -8.59 11.27 -6.53
N ASP A 113 -7.82 10.22 -6.24
CA ASP A 113 -8.23 9.17 -5.27
C ASP A 113 -9.63 8.67 -5.64
N VAL A 114 -9.85 8.32 -6.91
CA VAL A 114 -11.13 7.68 -7.39
C VAL A 114 -11.18 6.20 -6.99
N GLY A 115 -12.40 5.68 -6.81
CA GLY A 115 -12.63 4.23 -6.64
C GLY A 115 -12.21 3.48 -7.89
N GLN A 116 -12.11 2.15 -7.79
CA GLN A 116 -11.71 1.23 -8.90
C GLN A 116 -12.69 1.31 -10.06
N PRO A 117 -12.25 0.90 -11.27
CA PRO A 117 -13.10 0.84 -12.47
C PRO A 117 -14.51 0.29 -12.26
N ARG A 118 -14.66 -0.76 -11.42
CA ARG A 118 -15.95 -1.43 -11.10
C ARG A 118 -16.99 -0.38 -10.66
N ARG A 119 -16.56 0.74 -10.06
CA ARG A 119 -17.43 1.82 -9.54
C ARG A 119 -17.85 2.80 -10.64
N LYS A 120 -17.68 2.48 -11.93
CA LYS A 120 -18.14 3.29 -13.10
C LYS A 120 -17.46 4.66 -13.04
N THR A 121 -16.14 4.62 -12.90
CA THR A 121 -15.24 5.71 -12.43
C THR A 121 -14.41 6.27 -13.60
N ALA A 122 -14.49 5.65 -14.78
CA ALA A 122 -13.64 5.98 -15.95
C ALA A 122 -13.85 7.43 -16.40
N LYS A 123 -15.10 7.81 -16.69
CA LYS A 123 -15.50 9.12 -17.28
C LYS A 123 -15.00 10.27 -16.40
N MET A 124 -15.27 10.16 -15.11
CA MET A 124 -14.80 11.13 -14.08
C MET A 124 -13.27 11.23 -14.16
N LEU A 125 -12.56 10.09 -14.24
CA LEU A 125 -11.07 10.09 -14.16
C LEU A 125 -10.46 10.62 -15.47
N LYS A 126 -11.10 10.32 -16.60
CA LYS A 126 -10.61 10.76 -17.92
C LYS A 126 -10.78 12.27 -17.99
N SER A 127 -11.97 12.77 -17.64
CA SER A 127 -12.30 14.22 -17.64
C SER A 127 -11.41 14.95 -16.64
N PHE A 128 -11.16 14.36 -15.47
CA PHE A 128 -10.31 14.99 -14.41
C PHE A 128 -8.85 15.09 -14.87
N LEU A 129 -8.30 14.06 -15.53
CA LEU A 129 -6.89 14.06 -16.00
C LEU A 129 -6.71 15.06 -17.16
N LYS A 130 -7.70 15.16 -18.06
CA LYS A 130 -7.67 16.12 -19.20
C LYS A 130 -7.64 17.54 -18.63
N ALA A 131 -8.57 17.82 -17.71
CA ALA A 131 -8.71 19.10 -17.00
C ALA A 131 -7.44 19.38 -16.18
N GLY A 132 -7.23 18.70 -15.05
CA GLY A 132 -6.20 19.07 -14.08
C GLY A 132 -5.00 18.15 -14.06
N GLY A 133 -4.83 17.28 -15.04
CA GLY A 133 -3.76 16.25 -15.03
C GLY A 133 -2.38 16.87 -14.99
N GLU A 134 -2.26 18.12 -15.44
CA GLU A 134 -0.95 18.81 -15.57
C GLU A 134 -0.31 19.07 -14.18
N VAL A 135 -1.11 19.34 -13.13
CA VAL A 135 -0.63 19.87 -11.82
C VAL A 135 -0.38 18.75 -10.79
N ILE A 136 -0.84 17.52 -11.04
CA ILE A 136 -0.66 16.37 -10.09
C ILE A 136 0.65 15.65 -10.42
N ASP A 137 1.41 15.22 -9.41
CA ASP A 137 2.70 14.50 -9.57
C ASP A 137 2.51 12.97 -9.66
N SER A 138 1.32 12.48 -9.33
CA SER A 138 0.92 11.05 -9.42
C SER A 138 -0.60 10.95 -9.54
N VAL A 139 -1.09 9.93 -10.24
CA VAL A 139 -2.55 9.57 -10.30
C VAL A 139 -2.82 8.61 -9.15
N THR A 140 -3.82 8.90 -8.33
CA THR A 140 -4.21 8.05 -7.18
C THR A 140 -5.54 7.38 -7.49
N TRP A 141 -5.61 6.07 -7.31
CA TRP A 141 -6.92 5.38 -7.30
C TRP A 141 -6.96 4.41 -6.12
N HIS A 142 -8.14 3.89 -5.81
CA HIS A 142 -8.36 2.96 -4.67
C HIS A 142 -8.79 1.58 -5.18
N HIS A 143 -8.40 0.52 -4.48
CA HIS A 143 -8.88 -0.85 -4.80
C HIS A 143 -9.15 -1.69 -3.56
N TYR A 144 -10.32 -2.35 -3.54
CA TYR A 144 -10.64 -3.44 -2.57
C TYR A 144 -11.09 -4.65 -3.38
N TYR A 145 -10.80 -5.88 -2.95
CA TYR A 145 -11.31 -7.07 -3.69
C TYR A 145 -12.80 -7.29 -3.35
N LEU A 146 -13.18 -7.23 -2.08
CA LEU A 146 -14.47 -7.79 -1.59
C LEU A 146 -15.21 -6.76 -0.75
N ASN A 147 -16.51 -7.01 -0.57
CA ASN A 147 -17.34 -6.42 0.52
C ASN A 147 -16.96 -7.12 1.82
N GLY A 148 -16.55 -6.35 2.84
CA GLY A 148 -16.20 -6.88 4.17
C GLY A 148 -17.37 -7.62 4.79
N ARG A 149 -18.59 -7.19 4.46
CA ARG A 149 -19.82 -7.74 5.10
C ARG A 149 -20.10 -9.15 4.59
N THR A 150 -19.75 -9.46 3.35
CA THR A 150 -20.10 -10.72 2.65
C THR A 150 -18.89 -11.60 2.39
N ALA A 151 -17.68 -11.09 2.57
CA ALA A 151 -16.44 -11.79 2.19
C ALA A 151 -16.35 -13.09 2.99
N THR A 152 -16.00 -14.21 2.32
CA THR A 152 -15.76 -15.50 3.00
C THR A 152 -14.26 -15.83 3.02
N ARG A 153 -13.90 -16.76 3.89
CA ARG A 153 -12.57 -17.39 3.96
C ARG A 153 -12.17 -17.86 2.55
N GLU A 154 -13.11 -18.43 1.78
CA GLU A 154 -12.73 -19.10 0.50
C GLU A 154 -12.42 -18.04 -0.55
N ASP A 155 -13.06 -16.87 -0.44
CA ASP A 155 -12.82 -15.67 -1.28
C ASP A 155 -11.35 -15.27 -1.13
N PHE A 156 -10.87 -15.17 0.11
CA PHE A 156 -9.47 -14.78 0.46
C PHE A 156 -8.46 -15.74 -0.14
N LEU A 157 -8.86 -16.99 -0.41
CA LEU A 157 -7.97 -18.08 -0.89
C LEU A 157 -8.13 -18.35 -2.39
N ASN A 158 -8.99 -17.60 -3.08
CA ASN A 158 -9.44 -17.90 -4.46
C ASN A 158 -8.59 -17.13 -5.47
N PRO A 159 -7.80 -17.82 -6.33
CA PRO A 159 -7.00 -17.12 -7.32
C PRO A 159 -7.89 -16.37 -8.32
N ASP A 160 -9.10 -16.85 -8.59
CA ASP A 160 -10.02 -16.11 -9.50
C ASP A 160 -10.34 -14.74 -8.88
N VAL A 161 -10.39 -14.64 -7.56
CA VAL A 161 -10.65 -13.31 -6.92
C VAL A 161 -9.41 -12.42 -7.10
N LEU A 162 -8.22 -12.96 -6.81
CA LEU A 162 -6.93 -12.23 -6.96
C LEU A 162 -6.82 -11.69 -8.39
N ASP A 163 -7.13 -12.52 -9.39
CA ASP A 163 -6.94 -12.21 -10.84
C ASP A 163 -7.78 -10.99 -11.30
N ILE A 164 -8.92 -10.68 -10.68
CA ILE A 164 -9.78 -9.51 -11.05
C ILE A 164 -8.91 -8.25 -11.00
N PHE A 165 -7.93 -8.21 -10.10
CA PHE A 165 -7.08 -7.00 -9.85
C PHE A 165 -6.34 -6.61 -11.14
N ILE A 166 -5.85 -7.62 -11.88
CA ILE A 166 -5.05 -7.45 -13.13
C ILE A 166 -5.82 -6.53 -14.09
N SER A 167 -7.07 -6.87 -14.39
CA SER A 167 -7.96 -6.08 -15.27
C SER A 167 -8.23 -4.70 -14.66
N SER A 168 -8.37 -4.59 -13.35
CA SER A 168 -8.62 -3.30 -12.65
C SER A 168 -7.51 -2.34 -13.09
N VAL A 169 -6.28 -2.79 -12.92
CA VAL A 169 -5.05 -2.02 -13.22
C VAL A 169 -5.07 -1.69 -14.72
N GLN A 170 -5.28 -2.69 -15.59
CA GLN A 170 -5.27 -2.53 -17.07
C GLN A 170 -6.23 -1.39 -17.40
N LYS A 171 -7.44 -1.43 -16.87
CA LYS A 171 -8.50 -0.40 -17.15
C LYS A 171 -8.05 0.99 -16.66
N VAL A 172 -7.30 1.06 -15.57
CA VAL A 172 -6.72 2.35 -15.08
C VAL A 172 -5.67 2.83 -16.10
N PHE A 173 -4.69 2.00 -16.44
CA PHE A 173 -3.58 2.41 -17.35
C PHE A 173 -4.14 2.79 -18.72
N GLN A 174 -5.33 2.28 -19.08
CA GLN A 174 -6.06 2.62 -20.32
C GLN A 174 -6.51 4.09 -20.29
N VAL A 175 -7.08 4.53 -19.17
CA VAL A 175 -7.56 5.93 -19.04
C VAL A 175 -6.34 6.87 -19.03
N VAL A 176 -5.26 6.48 -18.34
CA VAL A 176 -4.05 7.34 -18.12
C VAL A 176 -3.21 7.43 -19.40
N GLU A 177 -2.97 6.31 -20.08
CA GLU A 177 -2.20 6.32 -21.36
C GLU A 177 -2.96 7.18 -22.38
N SER A 178 -4.28 7.30 -22.29
CA SER A 178 -5.13 8.06 -23.24
C SER A 178 -5.25 9.55 -22.84
N THR A 179 -4.58 10.01 -21.77
CA THR A 179 -4.75 11.41 -21.29
C THR A 179 -3.47 11.97 -20.67
N ARG A 180 -2.64 11.18 -20.01
CA ARG A 180 -1.37 11.68 -19.41
C ARG A 180 -0.35 10.56 -19.39
N PRO A 181 0.07 10.06 -20.57
CA PRO A 181 1.10 9.03 -20.62
C PRO A 181 2.35 9.45 -19.85
N GLY A 182 3.01 8.52 -19.17
CA GLY A 182 4.26 8.78 -18.42
C GLY A 182 4.01 9.30 -17.02
N LYS A 183 2.77 9.69 -16.71
CA LYS A 183 2.38 10.11 -15.36
C LYS A 183 2.43 8.87 -14.44
N LYS A 184 3.05 9.01 -13.27
CA LYS A 184 3.20 7.94 -12.25
C LYS A 184 1.81 7.58 -11.70
N VAL A 185 1.57 6.29 -11.53
CA VAL A 185 0.26 5.72 -11.12
C VAL A 185 0.44 5.07 -9.75
N TRP A 186 -0.40 5.52 -8.80
CA TRP A 186 -0.33 5.17 -7.37
C TRP A 186 -1.67 4.56 -6.95
N LEU A 187 -1.65 3.49 -6.14
CA LEU A 187 -2.86 3.10 -5.37
C LEU A 187 -2.89 3.98 -4.13
N GLY A 188 -3.84 4.92 -4.09
CA GLY A 188 -3.91 5.94 -3.04
C GLY A 188 -4.40 5.39 -1.70
N GLU A 189 -5.11 4.26 -1.72
CA GLU A 189 -5.81 3.60 -0.56
C GLU A 189 -6.27 2.22 -1.04
N THR A 190 -5.80 1.13 -0.45
CA THR A 190 -6.16 -0.22 -0.93
C THR A 190 -5.99 -1.26 0.17
N SER A 191 -6.87 -2.26 0.18
CA SER A 191 -6.75 -3.45 1.05
C SER A 191 -7.56 -4.63 0.49
N SER A 192 -7.85 -5.60 1.38
CA SER A 192 -8.62 -6.83 1.10
C SER A 192 -10.09 -6.46 0.78
N ALA A 193 -10.75 -5.71 1.66
CA ALA A 193 -12.23 -5.71 1.76
C ALA A 193 -12.75 -4.38 2.27
N TYR A 194 -13.74 -3.82 1.58
CA TYR A 194 -14.27 -2.47 1.91
C TYR A 194 -15.25 -2.62 3.10
N GLY A 195 -15.80 -1.50 3.53
CA GLY A 195 -16.52 -1.33 4.82
C GLY A 195 -15.68 -1.73 6.02
N GLY A 196 -14.39 -1.40 6.04
CA GLY A 196 -13.52 -1.59 7.23
C GLY A 196 -12.81 -2.94 7.27
N GLY A 197 -13.03 -3.83 6.29
CA GLY A 197 -12.41 -5.17 6.26
C GLY A 197 -13.37 -6.28 6.68
N ALA A 198 -13.06 -7.53 6.35
CA ALA A 198 -13.83 -8.74 6.74
C ALA A 198 -13.42 -9.21 8.14
N PRO A 199 -14.37 -9.17 9.09
CA PRO A 199 -14.11 -9.64 10.45
C PRO A 199 -13.49 -11.03 10.48
N LEU A 200 -12.41 -11.20 11.28
CA LEU A 200 -11.68 -12.48 11.52
C LEU A 200 -10.97 -12.95 10.26
N LEU A 201 -10.94 -12.15 9.20
CA LEU A 201 -10.30 -12.50 7.91
C LEU A 201 -9.21 -11.48 7.56
N SER A 202 -9.57 -10.19 7.56
CA SER A 202 -8.72 -9.06 7.12
C SER A 202 -7.50 -8.91 8.04
N ASP A 203 -7.51 -9.50 9.24
CA ASP A 203 -6.44 -9.30 10.26
C ASP A 203 -5.70 -10.60 10.52
N THR A 204 -5.75 -11.58 9.63
CA THR A 204 -5.13 -12.90 9.89
C THR A 204 -4.03 -13.18 8.86
N PHE A 205 -3.42 -14.34 9.01
CA PHE A 205 -2.48 -14.92 8.02
C PHE A 205 -3.15 -14.94 6.63
N ALA A 206 -4.45 -15.26 6.59
CA ALA A 206 -5.23 -15.46 5.34
C ALA A 206 -5.25 -14.18 4.50
N ALA A 207 -5.18 -13.00 5.13
CA ALA A 207 -5.15 -11.67 4.49
C ALA A 207 -3.87 -11.50 3.68
N GLY A 208 -2.84 -12.28 4.01
CA GLY A 208 -1.50 -12.19 3.40
C GLY A 208 -1.48 -12.56 1.94
N PHE A 209 -2.35 -13.49 1.53
CA PHE A 209 -2.52 -13.91 0.10
C PHE A 209 -2.85 -12.69 -0.76
N MET A 210 -3.88 -11.94 -0.39
CA MET A 210 -4.32 -10.76 -1.19
C MET A 210 -3.32 -9.62 -1.08
N TRP A 211 -2.63 -9.50 0.07
CA TRP A 211 -1.71 -8.36 0.28
C TRP A 211 -0.42 -8.59 -0.53
N LEU A 212 0.20 -9.78 -0.46
CA LEU A 212 1.50 -10.03 -1.15
C LEU A 212 1.25 -10.16 -2.66
N ASP A 213 0.08 -10.66 -3.06
CA ASP A 213 -0.26 -10.76 -4.50
C ASP A 213 -0.47 -9.36 -5.10
N LYS A 214 -1.18 -8.49 -4.38
CA LYS A 214 -1.41 -7.09 -4.79
C LYS A 214 -0.06 -6.38 -5.01
N LEU A 215 0.87 -6.52 -4.04
CA LEU A 215 2.25 -5.98 -4.13
C LEU A 215 2.97 -6.57 -5.36
N GLY A 216 2.88 -7.88 -5.57
CA GLY A 216 3.54 -8.49 -6.73
C GLY A 216 3.02 -7.91 -8.05
N LEU A 217 1.70 -7.87 -8.22
CA LEU A 217 1.05 -7.47 -9.48
C LEU A 217 1.30 -5.98 -9.69
N SER A 218 1.21 -5.18 -8.62
CA SER A 218 1.38 -3.71 -8.74
C SER A 218 2.77 -3.42 -9.30
N ALA A 219 3.81 -3.97 -8.66
CA ALA A 219 5.20 -3.76 -9.08
C ALA A 219 5.31 -4.19 -10.54
N ARG A 220 4.75 -5.36 -10.87
CA ARG A 220 4.89 -6.02 -12.20
C ARG A 220 4.17 -5.17 -13.26
N MET A 221 3.09 -4.49 -12.91
CA MET A 221 2.26 -3.83 -13.96
C MET A 221 2.56 -2.32 -14.01
N GLY A 222 3.57 -1.86 -13.28
CA GLY A 222 4.04 -0.46 -13.37
C GLY A 222 3.40 0.48 -12.36
N ILE A 223 2.79 -0.06 -11.28
CA ILE A 223 2.35 0.79 -10.15
C ILE A 223 3.58 1.12 -9.32
N GLU A 224 3.76 2.40 -9.03
CA GLU A 224 5.02 2.95 -8.44
C GLU A 224 4.93 2.96 -6.92
N VAL A 225 3.75 3.20 -6.36
CA VAL A 225 3.54 3.19 -4.87
C VAL A 225 2.18 2.56 -4.56
N VAL A 226 2.12 1.76 -3.47
CA VAL A 226 0.89 1.08 -2.94
C VAL A 226 0.68 1.49 -1.48
N MET A 227 -0.43 2.15 -1.19
CA MET A 227 -0.73 2.67 0.17
C MET A 227 -1.72 1.75 0.90
N ARG A 228 -1.24 1.02 1.92
CA ARG A 228 -2.06 0.05 2.70
C ARG A 228 -3.05 0.75 3.65
N GLN A 229 -4.33 0.54 3.38
CA GLN A 229 -5.46 0.85 4.31
C GLN A 229 -5.58 -0.32 5.29
N VAL A 230 -5.28 -0.15 6.60
CA VAL A 230 -4.68 1.02 7.25
C VAL A 230 -3.51 0.52 8.10
N PHE A 231 -2.58 1.39 8.50
CA PHE A 231 -1.44 1.02 9.39
C PHE A 231 -2.00 0.67 10.77
N PHE A 232 -2.93 1.51 11.23
CA PHE A 232 -3.59 1.46 12.57
C PHE A 232 -4.97 2.13 12.46
N GLY A 233 -5.98 1.58 13.13
CA GLY A 233 -7.32 2.19 13.25
C GLY A 233 -8.41 1.16 13.46
N ALA A 234 -9.67 1.58 13.28
CA ALA A 234 -10.91 0.82 13.61
C ALA A 234 -11.03 -0.44 12.74
N GLY A 235 -10.61 -0.34 11.47
CA GLY A 235 -10.88 -1.34 10.45
C GLY A 235 -10.08 -2.61 10.63
N ASN A 236 -10.74 -3.73 10.35
CA ASN A 236 -10.23 -5.13 10.46
C ASN A 236 -8.96 -5.29 9.60
N TYR A 237 -8.72 -4.43 8.61
CA TYR A 237 -7.57 -4.57 7.67
C TYR A 237 -6.32 -3.82 8.20
N HIS A 238 -6.33 -3.39 9.47
CA HIS A 238 -5.19 -2.70 10.11
C HIS A 238 -3.99 -3.67 10.13
N LEU A 239 -2.78 -3.13 9.96
CA LEU A 239 -1.50 -3.88 10.10
C LEU A 239 -1.19 -4.08 11.58
N VAL A 240 -1.71 -3.17 12.41
CA VAL A 240 -1.47 -3.16 13.89
C VAL A 240 -2.83 -2.95 14.56
N ASP A 241 -3.18 -3.84 15.49
CA ASP A 241 -4.51 -3.82 16.16
C ASP A 241 -4.53 -2.71 17.21
N GLU A 242 -5.69 -2.58 17.87
CA GLU A 242 -6.04 -1.55 18.89
C GLU A 242 -5.17 -1.68 20.15
N ASN A 243 -4.53 -2.82 20.40
CA ASN A 243 -3.61 -3.03 21.55
C ASN A 243 -2.14 -2.85 21.09
N PHE A 244 -1.91 -2.19 19.94
CA PHE A 244 -0.60 -1.91 19.30
C PHE A 244 0.22 -3.20 19.11
N ASP A 245 -0.42 -4.33 18.92
CA ASP A 245 0.27 -5.58 18.51
C ASP A 245 0.26 -5.67 16.99
N PRO A 246 1.39 -6.03 16.38
CA PRO A 246 1.45 -6.25 14.94
C PRO A 246 0.75 -7.54 14.45
N LEU A 247 -0.06 -7.39 13.41
CA LEU A 247 -0.80 -8.53 12.79
C LEU A 247 0.07 -9.13 11.69
N PRO A 248 -0.24 -10.35 11.20
CA PRO A 248 0.65 -11.02 10.27
C PRO A 248 0.96 -10.21 8.99
N ASP A 249 0.03 -9.36 8.50
CA ASP A 249 0.32 -8.51 7.31
C ASP A 249 1.48 -7.57 7.67
N TYR A 250 1.55 -7.13 8.92
CA TYR A 250 2.65 -6.23 9.31
C TYR A 250 4.00 -6.97 9.14
N TRP A 251 4.12 -8.19 9.65
CA TRP A 251 5.38 -8.99 9.55
C TRP A 251 5.72 -9.26 8.07
N LEU A 252 4.70 -9.39 7.25
CA LEU A 252 4.82 -9.66 5.78
C LEU A 252 5.38 -8.42 5.09
N SER A 253 4.81 -7.26 5.43
CA SER A 253 5.24 -5.92 4.99
C SER A 253 6.70 -5.68 5.40
N LEU A 254 7.07 -6.01 6.63
CA LEU A 254 8.45 -5.76 7.12
C LEU A 254 9.42 -6.65 6.33
N LEU A 255 9.15 -7.95 6.25
CA LEU A 255 10.00 -8.92 5.49
C LEU A 255 10.12 -8.47 4.03
N PHE A 256 9.01 -7.97 3.44
CA PHE A 256 8.99 -7.47 2.03
C PHE A 256 9.97 -6.30 1.94
N LYS A 257 9.90 -5.39 2.91
CA LYS A 257 10.73 -4.15 2.87
C LYS A 257 12.21 -4.52 3.00
N LYS A 258 12.59 -5.54 3.77
CA LYS A 258 14.04 -5.85 3.94
C LYS A 258 14.60 -6.52 2.68
N LEU A 259 13.78 -7.25 1.91
CA LEU A 259 14.34 -8.26 0.96
C LEU A 259 14.19 -7.79 -0.50
N VAL A 260 13.18 -6.98 -0.79
CA VAL A 260 12.73 -6.67 -2.17
C VAL A 260 13.21 -5.28 -2.60
N GLY A 261 14.04 -5.22 -3.66
CA GLY A 261 14.56 -3.97 -4.23
C GLY A 261 13.57 -3.29 -5.18
N THR A 262 13.98 -2.14 -5.71
CA THR A 262 13.15 -1.23 -6.55
C THR A 262 13.09 -1.70 -8.01
N LYS A 263 13.98 -2.59 -8.42
CA LYS A 263 14.08 -3.04 -9.83
C LYS A 263 13.23 -4.29 -9.98
N VAL A 264 12.13 -4.16 -10.72
CA VAL A 264 11.15 -5.25 -10.92
C VAL A 264 11.58 -6.11 -12.10
N LEU A 265 11.57 -7.42 -11.91
CA LEU A 265 11.91 -8.44 -12.91
C LEU A 265 10.67 -9.32 -13.08
N MET A 266 10.82 -10.56 -13.54
CA MET A 266 9.64 -11.40 -13.88
C MET A 266 10.02 -12.86 -13.69
N ALA A 267 9.11 -13.59 -13.05
CA ALA A 267 9.14 -15.07 -12.93
C ALA A 267 7.79 -15.59 -13.38
N SER A 268 7.73 -16.82 -13.87
CA SER A 268 6.46 -17.48 -14.27
C SER A 268 6.65 -18.98 -14.31
N VAL A 269 5.56 -19.74 -14.20
CA VAL A 269 5.61 -21.23 -14.04
C VAL A 269 5.30 -21.89 -15.37
N GLN A 270 6.05 -22.96 -15.69
CA GLN A 270 6.08 -23.61 -17.02
C GLN A 270 4.70 -24.18 -17.36
N GLY A 271 3.91 -24.60 -16.37
CA GLY A 271 2.55 -25.13 -16.61
C GLY A 271 1.68 -24.16 -17.41
N SER A 272 0.66 -24.71 -18.09
CA SER A 272 -0.49 -23.96 -18.68
C SER A 272 -1.42 -23.41 -17.58
N LYS A 273 -1.13 -23.68 -16.31
CA LYS A 273 -1.77 -22.99 -15.15
C LYS A 273 -0.68 -22.24 -14.36
N ARG A 274 -0.81 -20.92 -14.30
CA ARG A 274 -0.02 -19.98 -13.46
C ARG A 274 -0.98 -19.29 -12.47
N ARG A 275 -2.04 -20.01 -12.02
CA ARG A 275 -3.19 -19.47 -11.23
C ARG A 275 -2.94 -19.63 -9.72
N LYS A 276 -2.73 -20.85 -9.23
CA LYS A 276 -2.64 -21.15 -7.76
C LYS A 276 -1.18 -21.08 -7.30
N LEU A 277 -0.22 -21.15 -8.21
CA LEU A 277 1.22 -20.97 -7.86
C LEU A 277 1.67 -19.65 -8.46
N ARG A 278 1.71 -18.57 -7.64
CA ARG A 278 1.96 -17.18 -8.12
C ARG A 278 3.38 -16.75 -7.70
N VAL A 279 4.18 -16.24 -8.64
CA VAL A 279 5.64 -16.00 -8.44
C VAL A 279 5.96 -14.60 -8.95
N TYR A 280 6.86 -13.90 -8.24
CA TYR A 280 7.31 -12.50 -8.49
C TYR A 280 8.82 -12.46 -8.34
N LEU A 281 9.49 -11.64 -9.15
CA LEU A 281 10.97 -11.52 -9.06
C LEU A 281 11.36 -10.05 -9.06
N HIS A 282 12.16 -9.64 -8.07
CA HIS A 282 12.88 -8.33 -8.05
C HIS A 282 14.39 -8.56 -7.83
N CYS A 283 15.20 -7.53 -8.05
CA CYS A 283 16.60 -7.46 -7.53
C CYS A 283 16.54 -7.43 -6.01
N THR A 284 17.47 -8.09 -5.31
CA THR A 284 17.53 -8.06 -3.83
C THR A 284 17.77 -6.60 -3.41
N ASN A 285 17.16 -6.18 -2.29
CA ASN A 285 17.21 -4.77 -1.80
C ASN A 285 18.64 -4.49 -1.32
N THR A 286 19.26 -3.45 -1.86
CA THR A 286 20.71 -3.15 -1.76
C THR A 286 21.04 -2.71 -0.33
N ASP A 287 20.18 -1.87 0.26
CA ASP A 287 20.27 -1.36 1.66
C ASP A 287 20.44 -2.50 2.67
N ASN A 288 20.06 -3.73 2.32
CA ASN A 288 20.21 -4.91 3.22
C ASN A 288 21.68 -5.29 3.27
N PRO A 289 22.37 -5.10 4.41
CA PRO A 289 23.78 -5.48 4.51
C PRO A 289 24.15 -6.96 4.34
N ARG A 290 23.21 -7.91 4.34
CA ARG A 290 23.57 -9.35 4.19
C ARG A 290 23.87 -9.69 2.72
N TYR A 291 23.38 -8.91 1.77
CA TYR A 291 23.37 -9.30 0.33
C TYR A 291 24.09 -8.26 -0.53
N LYS A 292 24.60 -8.73 -1.69
CA LYS A 292 25.43 -7.96 -2.66
C LYS A 292 24.70 -7.79 -4.00
N GLU A 293 25.15 -6.83 -4.80
CA GLU A 293 24.74 -6.60 -6.21
C GLU A 293 24.65 -7.92 -6.99
N GLY A 294 23.64 -8.02 -7.87
CA GLY A 294 23.40 -9.21 -8.70
C GLY A 294 22.43 -10.17 -8.06
N ASP A 295 22.18 -10.05 -6.75
CA ASP A 295 21.30 -10.99 -6.00
C ASP A 295 19.84 -10.73 -6.38
N LEU A 296 19.06 -11.80 -6.47
CA LEU A 296 17.61 -11.81 -6.82
C LEU A 296 16.79 -12.14 -5.57
N THR A 297 15.65 -11.47 -5.41
CA THR A 297 14.59 -11.89 -4.44
C THR A 297 13.37 -12.43 -5.21
N LEU A 298 13.14 -13.73 -5.13
CA LEU A 298 11.89 -14.43 -5.58
C LEU A 298 10.89 -14.42 -4.43
N TYR A 299 9.63 -14.10 -4.68
CA TYR A 299 8.56 -14.31 -3.68
C TYR A 299 7.42 -15.08 -4.37
N ALA A 300 6.87 -16.02 -3.61
CA ALA A 300 5.99 -17.09 -4.11
C ALA A 300 4.80 -17.24 -3.16
N ILE A 301 3.64 -17.41 -3.76
CA ILE A 301 2.36 -17.79 -3.08
C ILE A 301 1.95 -19.19 -3.53
N ASN A 302 1.56 -20.04 -2.57
CA ASN A 302 1.04 -21.40 -2.86
C ASN A 302 -0.40 -21.49 -2.35
N LEU A 303 -1.35 -21.51 -3.28
CA LEU A 303 -2.79 -21.64 -2.96
C LEU A 303 -3.32 -23.05 -3.26
N HIS A 304 -2.48 -24.00 -3.71
CA HIS A 304 -2.81 -25.46 -3.75
C HIS A 304 -2.90 -26.02 -2.32
N ASN A 305 -3.58 -27.16 -2.16
CA ASN A 305 -3.79 -27.82 -0.84
C ASN A 305 -2.65 -28.82 -0.56
N VAL A 306 -1.56 -28.80 -1.32
CA VAL A 306 -0.34 -29.65 -1.05
C VAL A 306 0.91 -28.79 -1.25
N THR A 307 2.06 -29.23 -0.71
CA THR A 307 3.39 -28.63 -0.93
C THR A 307 3.73 -28.66 -2.43
N LYS A 308 4.23 -27.56 -2.97
CA LYS A 308 4.87 -27.57 -4.32
C LYS A 308 6.37 -27.30 -4.14
N TYR A 309 7.18 -27.92 -5.00
CA TYR A 309 8.65 -27.79 -5.06
C TYR A 309 8.98 -26.99 -6.33
N LEU A 310 9.63 -25.83 -6.16
CA LEU A 310 9.99 -24.89 -7.26
C LEU A 310 11.43 -25.15 -7.70
N ARG A 311 11.68 -25.26 -9.00
CA ARG A 311 13.05 -25.48 -9.54
C ARG A 311 13.54 -24.20 -10.24
N LEU A 312 14.66 -23.67 -9.78
CA LEU A 312 15.26 -22.43 -10.36
C LEU A 312 15.75 -22.80 -11.75
N PRO A 313 15.64 -21.87 -12.73
CA PRO A 313 16.06 -22.15 -14.09
C PRO A 313 17.57 -21.93 -14.16
N TYR A 314 18.21 -22.51 -15.16
CA TYR A 314 19.60 -22.17 -15.58
C TYR A 314 19.69 -20.65 -15.70
N PRO A 315 20.80 -19.97 -15.32
CA PRO A 315 21.98 -20.61 -14.72
C PRO A 315 22.03 -20.52 -13.18
N PHE A 316 20.87 -20.33 -12.55
CA PHE A 316 20.71 -20.10 -11.09
C PHE A 316 20.34 -21.41 -10.35
N SER A 317 20.48 -22.56 -11.01
CA SER A 317 20.01 -23.87 -10.50
C SER A 317 20.84 -24.35 -9.30
N ASN A 318 22.13 -23.99 -9.21
CA ASN A 318 23.07 -24.51 -8.17
C ASN A 318 23.45 -23.45 -7.13
N LYS A 319 22.89 -22.24 -7.19
CA LYS A 319 23.18 -21.12 -6.24
C LYS A 319 22.75 -21.45 -4.80
N GLN A 320 23.27 -20.69 -3.84
CA GLN A 320 22.90 -20.77 -2.40
C GLN A 320 21.63 -19.94 -2.21
N VAL A 321 20.57 -20.54 -1.66
CA VAL A 321 19.25 -19.87 -1.44
C VAL A 321 18.97 -19.78 0.07
N ASP A 322 18.61 -18.59 0.51
CA ASP A 322 18.07 -18.29 1.86
C ASP A 322 16.55 -18.25 1.80
N LYS A 323 15.90 -19.13 2.54
CA LYS A 323 14.42 -19.25 2.64
C LYS A 323 13.91 -18.26 3.69
N TYR A 324 12.81 -17.55 3.41
CA TYR A 324 12.06 -16.78 4.44
C TYR A 324 10.58 -17.17 4.36
N LEU A 325 10.26 -18.37 4.87
CA LEU A 325 8.91 -18.96 4.76
C LEU A 325 8.06 -18.53 5.96
N LEU A 326 6.87 -18.01 5.67
CA LEU A 326 5.91 -17.50 6.68
C LEU A 326 4.72 -18.48 6.81
N ARG A 327 4.41 -18.93 8.03
CA ARG A 327 3.28 -19.88 8.29
C ARG A 327 2.59 -19.45 9.55
N PRO A 328 1.27 -19.69 9.66
CA PRO A 328 0.53 -19.22 10.84
C PRO A 328 0.95 -19.99 12.10
N LEU A 329 0.98 -19.30 13.23
CA LEU A 329 1.05 -19.99 14.56
C LEU A 329 -0.32 -20.55 14.94
N GLY A 330 -0.39 -21.85 15.25
CA GLY A 330 -1.67 -22.52 15.57
C GLY A 330 -2.30 -21.93 16.83
N PRO A 331 -3.52 -22.36 17.23
CA PRO A 331 -4.25 -23.42 16.55
C PRO A 331 -5.25 -23.02 15.44
N HIS A 332 -5.34 -21.72 15.12
CA HIS A 332 -6.37 -21.11 14.23
C HIS A 332 -5.92 -21.11 12.75
N GLY A 333 -4.79 -21.74 12.43
CA GLY A 333 -4.25 -21.83 11.06
C GLY A 333 -4.42 -20.51 10.36
N LEU A 334 -5.06 -20.54 9.18
CA LEU A 334 -5.10 -19.38 8.26
C LEU A 334 -5.87 -18.22 8.93
N LEU A 335 -6.70 -18.54 9.93
CA LEU A 335 -7.44 -17.51 10.70
C LEU A 335 -6.64 -17.04 11.92
N SER A 336 -5.35 -17.39 12.00
CA SER A 336 -4.48 -17.01 13.14
C SER A 336 -4.07 -15.54 13.03
N LYS A 337 -3.85 -14.88 14.17
CA LYS A 337 -3.32 -13.49 14.21
C LYS A 337 -1.83 -13.50 14.55
N SER A 338 -1.17 -14.66 14.45
CA SER A 338 0.28 -14.87 14.74
C SER A 338 0.96 -15.68 13.64
N VAL A 339 2.18 -15.30 13.28
CA VAL A 339 2.92 -15.93 12.17
C VAL A 339 4.31 -16.31 12.65
N GLN A 340 4.87 -17.32 12.02
CA GLN A 340 6.23 -17.86 12.26
C GLN A 340 7.08 -17.64 11.01
N LEU A 341 8.34 -17.20 11.20
CA LEU A 341 9.36 -17.15 10.12
C LEU A 341 10.27 -18.37 10.25
N ASN A 342 10.27 -19.25 9.26
CA ASN A 342 11.11 -20.47 9.25
C ASN A 342 10.94 -21.17 10.60
N GLY A 343 9.70 -21.26 11.07
CA GLY A 343 9.33 -22.03 12.27
C GLY A 343 9.67 -21.31 13.57
N LEU A 344 9.90 -19.98 13.56
CA LEU A 344 10.17 -19.15 14.76
C LEU A 344 9.08 -18.08 14.83
N THR A 345 8.31 -18.03 15.91
CA THR A 345 7.19 -17.05 16.08
C THR A 345 7.74 -15.63 16.02
N LEU A 346 7.07 -14.73 15.31
CA LEU A 346 7.59 -13.35 15.12
C LEU A 346 6.91 -12.44 16.13
N LYS A 347 7.72 -11.86 17.01
CA LYS A 347 7.24 -10.86 18.00
C LYS A 347 8.34 -9.82 18.29
N MET A 348 7.89 -8.59 18.55
CA MET A 348 8.72 -7.51 19.14
C MET A 348 9.50 -8.09 20.31
N VAL A 349 10.80 -7.83 20.39
CA VAL A 349 11.62 -8.20 21.59
C VAL A 349 11.14 -7.36 22.79
N ASP A 350 10.77 -6.09 22.54
CA ASP A 350 10.17 -5.16 23.54
C ASP A 350 9.63 -3.98 22.75
N ASP A 351 9.07 -2.97 23.41
CA ASP A 351 8.35 -1.85 22.75
C ASP A 351 9.30 -1.04 21.85
N GLN A 352 10.60 -1.09 22.11
CA GLN A 352 11.60 -0.29 21.35
C GLN A 352 12.24 -1.16 20.25
N THR A 353 12.03 -2.48 20.29
CA THR A 353 12.93 -3.44 19.60
C THR A 353 12.12 -4.48 18.79
N LEU A 354 12.31 -4.43 17.47
CA LEU A 354 11.83 -5.46 16.53
C LEU A 354 12.82 -6.63 16.55
N PRO A 355 12.37 -7.87 16.24
CA PRO A 355 13.27 -9.02 16.23
C PRO A 355 14.23 -9.02 15.04
N PRO A 356 15.29 -9.86 15.03
CA PRO A 356 15.98 -10.14 13.78
C PRO A 356 14.98 -10.90 12.88
N LEU A 357 15.26 -10.91 11.57
CA LEU A 357 14.52 -11.74 10.61
C LEU A 357 15.50 -12.74 10.02
N MET A 358 15.41 -13.99 10.46
CA MET A 358 16.46 -15.01 10.31
C MET A 358 16.14 -15.87 9.08
N GLU A 359 17.00 -15.78 8.06
CA GLU A 359 16.97 -16.68 6.88
C GLU A 359 17.03 -18.14 7.35
N LYS A 360 16.62 -19.06 6.48
CA LYS A 360 16.99 -20.49 6.54
C LYS A 360 17.72 -20.83 5.26
N PRO A 361 19.08 -20.96 5.29
CA PRO A 361 19.84 -21.37 4.12
C PRO A 361 19.47 -22.78 3.64
N LEU A 362 19.32 -22.96 2.34
CA LEU A 362 19.00 -24.29 1.77
C LEU A 362 20.29 -24.86 1.23
N ARG A 363 20.41 -26.18 1.11
CA ARG A 363 21.59 -26.79 0.44
C ARG A 363 21.53 -26.35 -1.02
N PRO A 364 22.65 -25.83 -1.59
CA PRO A 364 22.69 -25.52 -3.02
C PRO A 364 22.24 -26.73 -3.83
N GLY A 365 21.34 -26.50 -4.80
CA GLY A 365 20.83 -27.52 -5.72
C GLY A 365 19.45 -28.04 -5.36
N SER A 366 18.99 -27.85 -4.11
CA SER A 366 17.67 -28.34 -3.65
C SER A 366 16.55 -27.56 -4.37
N SER A 367 15.47 -28.27 -4.74
CA SER A 367 14.19 -27.65 -5.18
C SER A 367 13.67 -26.79 -4.02
N LEU A 368 12.92 -25.73 -4.34
CA LEU A 368 12.41 -24.76 -3.33
C LEU A 368 11.04 -25.22 -2.77
N GLY A 369 11.03 -25.66 -1.50
CA GLY A 369 9.85 -26.22 -0.82
C GLY A 369 8.86 -25.12 -0.50
N LEU A 370 7.62 -25.21 -0.97
CA LEU A 370 6.58 -24.21 -0.62
C LEU A 370 5.30 -24.92 -0.18
N PRO A 371 5.10 -25.07 1.15
CA PRO A 371 3.93 -25.73 1.68
C PRO A 371 2.60 -25.11 1.25
N ALA A 372 1.53 -25.88 1.33
CA ALA A 372 0.15 -25.48 0.98
C ALA A 372 -0.26 -24.23 1.76
N PHE A 373 -1.02 -23.33 1.12
CA PHE A 373 -1.57 -22.12 1.76
C PHE A 373 -0.44 -21.40 2.53
N SER A 374 0.62 -21.02 1.82
CA SER A 374 1.84 -20.41 2.42
C SER A 374 2.49 -19.43 1.43
N TYR A 375 3.20 -18.43 1.94
CA TYR A 375 3.99 -17.50 1.08
C TYR A 375 5.40 -17.41 1.65
N SER A 376 6.37 -17.20 0.76
CA SER A 376 7.82 -17.27 1.06
C SER A 376 8.60 -16.29 0.18
N PHE A 377 9.69 -15.75 0.75
CA PHE A 377 10.76 -15.04 0.01
C PHE A 377 11.92 -16.03 -0.13
N PHE A 378 12.59 -16.01 -1.29
CA PHE A 378 13.80 -16.80 -1.55
C PHE A 378 14.84 -15.84 -2.11
N VAL A 379 15.94 -15.64 -1.37
CA VAL A 379 17.06 -14.78 -1.87
C VAL A 379 18.09 -15.70 -2.54
N ILE A 380 18.34 -15.42 -3.82
CA ILE A 380 19.34 -16.15 -4.65
C ILE A 380 20.66 -15.39 -4.56
N ARG A 381 21.57 -15.93 -3.77
CA ARG A 381 22.87 -15.31 -3.39
C ARG A 381 23.83 -15.51 -4.56
N ASN A 382 24.54 -14.46 -4.97
CA ASN A 382 25.58 -14.55 -6.02
C ASN A 382 24.93 -14.84 -7.38
N ALA A 383 23.66 -14.49 -7.56
CA ALA A 383 22.96 -14.66 -8.86
C ALA A 383 23.77 -13.94 -9.94
N LYS A 384 24.26 -12.73 -9.59
CA LYS A 384 25.16 -11.88 -10.40
C LYS A 384 24.41 -11.38 -11.64
N VAL A 385 23.15 -11.00 -11.44
CA VAL A 385 22.32 -10.34 -12.48
C VAL A 385 22.88 -8.93 -12.66
N ALA A 386 23.45 -8.65 -13.84
CA ALA A 386 23.95 -7.33 -14.29
C ALA A 386 22.87 -6.25 -14.15
N ALA A 387 21.62 -6.54 -14.54
CA ALA A 387 20.49 -5.58 -14.52
C ALA A 387 20.28 -5.03 -13.10
N CYS A 388 20.67 -5.81 -12.09
CA CYS A 388 20.48 -5.49 -10.66
C CYS A 388 21.54 -4.48 -10.20
N ILE A 389 22.75 -4.55 -10.77
CA ILE A 389 23.86 -3.58 -10.52
C ILE A 389 23.34 -2.14 -10.67
N GLN B 1 2.88 -35.35 -9.87
CA GLN B 1 4.03 -34.40 -9.73
C GLN B 1 3.58 -33.11 -9.02
N ASP B 2 4.42 -32.64 -8.11
CA ASP B 2 4.29 -31.35 -7.39
C ASP B 2 5.59 -30.55 -7.58
N VAL B 3 6.37 -30.89 -8.61
CA VAL B 3 7.62 -30.16 -8.95
C VAL B 3 7.30 -29.18 -10.08
N VAL B 4 7.61 -27.90 -9.91
CA VAL B 4 7.25 -26.81 -10.87
C VAL B 4 8.53 -26.09 -11.34
N ASP B 5 8.68 -25.91 -12.65
CA ASP B 5 9.85 -25.20 -13.25
C ASP B 5 9.50 -23.73 -13.37
N LEU B 6 10.41 -22.86 -12.98
CA LEU B 6 10.23 -21.39 -13.08
C LEU B 6 11.04 -20.88 -14.26
N ASP B 7 10.48 -19.89 -14.97
CA ASP B 7 11.22 -19.06 -15.97
C ASP B 7 11.42 -17.67 -15.37
N PHE B 8 12.63 -17.15 -15.51
CA PHE B 8 13.02 -15.79 -15.06
C PHE B 8 13.41 -14.93 -16.26
N PHE B 9 12.94 -13.69 -16.26
CA PHE B 9 13.45 -12.58 -17.12
C PHE B 9 14.33 -11.70 -16.24
N THR B 10 15.64 -11.63 -16.58
CA THR B 10 16.72 -10.97 -15.79
C THR B 10 17.60 -10.08 -16.68
N GLN B 11 17.16 -9.78 -17.91
CA GLN B 11 17.96 -9.00 -18.90
C GLN B 11 18.05 -7.54 -18.44
N GLU B 12 16.96 -7.03 -17.86
CA GLU B 12 16.85 -5.59 -17.55
C GLU B 12 15.65 -5.33 -16.64
N PRO B 13 15.67 -4.19 -15.90
CA PRO B 13 14.54 -3.80 -15.08
C PRO B 13 13.31 -3.57 -15.95
N LEU B 14 12.18 -4.22 -15.63
CA LEU B 14 10.90 -4.02 -16.37
C LEU B 14 10.19 -2.78 -15.84
N HIS B 15 10.42 -2.46 -14.57
CA HIS B 15 9.90 -1.28 -13.86
C HIS B 15 10.81 -0.98 -12.67
N LEU B 16 10.77 0.25 -12.21
CA LEU B 16 11.44 0.68 -10.98
C LEU B 16 10.36 1.22 -10.07
N VAL B 17 10.18 0.66 -8.88
CA VAL B 17 9.11 1.12 -7.94
C VAL B 17 9.76 2.21 -7.08
N SER B 18 8.98 3.03 -6.40
CA SER B 18 9.52 3.97 -5.38
C SER B 18 10.26 3.14 -4.33
N PRO B 19 11.23 3.72 -3.59
CA PRO B 19 11.70 3.09 -2.34
C PRO B 19 10.55 3.06 -1.31
N SER B 20 9.61 4.00 -1.40
CA SER B 20 8.38 4.01 -0.56
C SER B 20 7.26 3.17 -1.21
N PHE B 21 7.59 2.11 -1.96
CA PHE B 21 6.62 1.30 -2.73
C PHE B 21 5.52 0.82 -1.79
N LEU B 22 5.95 0.13 -0.73
CA LEU B 22 5.07 -0.33 0.38
C LEU B 22 4.89 0.84 1.34
N SER B 23 3.76 1.54 1.16
CA SER B 23 3.32 2.71 1.95
C SER B 23 2.05 2.37 2.73
N VAL B 24 1.56 3.31 3.54
CA VAL B 24 0.41 3.05 4.47
C VAL B 24 -0.45 4.31 4.58
N THR B 25 -1.65 4.13 5.16
CA THR B 25 -2.62 5.21 5.45
C THR B 25 -3.01 5.22 6.93
N ILE B 26 -3.54 6.37 7.36
CA ILE B 26 -4.42 6.50 8.55
C ILE B 26 -5.74 7.07 8.03
N ASP B 27 -6.86 6.42 8.33
CA ASP B 27 -8.19 6.91 7.90
C ASP B 27 -8.47 8.24 8.61
N ALA B 28 -8.90 9.24 7.86
CA ALA B 28 -9.27 10.59 8.33
C ALA B 28 -10.14 10.48 9.60
N ASN B 29 -10.96 9.43 9.71
CA ASN B 29 -11.95 9.23 10.78
C ASN B 29 -11.28 8.97 12.15
N LEU B 30 -10.03 8.53 12.19
CA LEU B 30 -9.26 8.31 13.44
C LEU B 30 -9.12 9.62 14.23
N ALA B 31 -9.24 10.76 13.57
CA ALA B 31 -9.06 12.11 14.18
C ALA B 31 -10.38 12.61 14.78
N THR B 32 -11.44 11.80 14.70
CA THR B 32 -12.70 12.05 15.43
C THR B 32 -12.72 11.21 16.71
N ASP B 33 -11.72 10.35 16.90
CA ASP B 33 -11.53 9.59 18.15
C ASP B 33 -10.97 10.56 19.19
N PRO B 34 -11.66 10.73 20.33
CA PRO B 34 -11.10 11.47 21.46
C PRO B 34 -9.67 11.07 21.85
N ARG B 35 -9.29 9.79 21.69
CA ARG B 35 -7.96 9.27 22.15
C ARG B 35 -6.88 9.41 21.06
N PHE B 36 -7.15 10.18 20.00
CA PHE B 36 -6.23 10.34 18.83
C PHE B 36 -4.80 10.55 19.34
N LEU B 37 -4.65 11.62 20.14
CA LEU B 37 -3.34 12.10 20.69
C LEU B 37 -2.60 10.94 21.36
N ILE B 38 -3.28 10.22 22.25
CA ILE B 38 -2.66 9.10 23.01
C ILE B 38 -2.17 8.06 21.99
N LEU B 39 -3.02 7.74 21.01
CA LEU B 39 -2.83 6.58 20.09
C LEU B 39 -1.53 6.77 19.29
N LEU B 40 -1.45 7.88 18.54
CA LEU B 40 -0.28 8.22 17.69
C LEU B 40 0.92 8.59 18.55
N GLY B 41 0.68 8.93 19.83
CA GLY B 41 1.73 9.13 20.85
C GLY B 41 2.44 7.82 21.15
N SER B 42 1.72 6.70 21.06
CA SER B 42 2.22 5.36 21.48
C SER B 42 3.65 5.20 20.97
N PRO B 43 4.66 5.12 21.86
CA PRO B 43 6.03 4.79 21.44
C PRO B 43 6.14 3.45 20.70
N LYS B 44 5.60 2.37 21.29
CA LYS B 44 5.49 1.02 20.65
C LYS B 44 5.03 1.15 19.19
N LEU B 45 3.94 1.90 18.95
CA LEU B 45 3.38 2.09 17.59
C LEU B 45 4.45 2.74 16.69
N ARG B 46 5.21 3.70 17.23
CA ARG B 46 6.26 4.44 16.48
C ARG B 46 7.40 3.48 16.13
N THR B 47 7.72 2.54 17.03
CA THR B 47 8.75 1.49 16.76
C THR B 47 8.28 0.70 15.53
N LEU B 48 7.02 0.27 15.53
CA LEU B 48 6.39 -0.45 14.40
C LEU B 48 6.42 0.41 13.12
N ALA B 49 5.98 1.67 13.17
CA ALA B 49 5.94 2.58 11.98
C ALA B 49 7.34 2.78 11.39
N ARG B 50 8.34 3.03 12.24
CA ARG B 50 9.76 3.25 11.83
C ARG B 50 10.26 2.04 11.03
N GLY B 51 9.82 0.83 11.37
CA GLY B 51 10.16 -0.41 10.64
C GLY B 51 9.84 -0.36 9.15
N LEU B 52 8.87 0.49 8.75
CA LEU B 52 8.36 0.59 7.34
C LEU B 52 8.94 1.80 6.60
N SER B 53 9.65 2.69 7.29
CA SER B 53 10.45 3.76 6.65
C SER B 53 11.37 3.09 5.63
N PRO B 54 11.58 3.64 4.41
CA PRO B 54 10.83 4.80 3.93
C PRO B 54 9.41 4.44 3.45
N ALA B 55 8.45 5.32 3.70
CA ALA B 55 7.07 5.16 3.20
C ALA B 55 6.31 6.48 3.31
N TYR B 56 5.33 6.66 2.44
CA TYR B 56 4.26 7.66 2.61
C TYR B 56 3.30 7.16 3.68
N LEU B 57 2.76 8.13 4.42
CA LEU B 57 1.59 7.97 5.28
C LEU B 57 0.48 8.89 4.77
N ARG B 58 -0.53 8.32 4.12
CA ARG B 58 -1.65 9.10 3.53
C ARG B 58 -2.75 9.24 4.60
N PHE B 59 -3.06 10.48 4.96
CA PHE B 59 -4.15 10.83 5.89
C PHE B 59 -5.39 11.25 5.09
N GLY B 60 -6.32 10.31 4.93
CA GLY B 60 -7.50 10.47 4.06
C GLY B 60 -8.43 9.30 4.23
N GLY B 61 -9.57 9.36 3.56
CA GLY B 61 -10.69 8.41 3.71
C GLY B 61 -11.97 9.19 3.51
N THR B 62 -13.14 8.59 3.76
CA THR B 62 -14.45 9.25 3.49
C THR B 62 -14.52 10.58 4.23
N LYS B 63 -13.92 10.65 5.43
CA LYS B 63 -14.06 11.79 6.38
C LYS B 63 -13.29 13.02 5.84
N THR B 64 -12.36 12.82 4.90
CA THR B 64 -11.59 13.90 4.20
C THR B 64 -12.53 15.04 3.79
N ASP B 65 -13.65 14.72 3.15
CA ASP B 65 -14.58 15.72 2.55
C ASP B 65 -15.67 16.09 3.56
N PHE B 66 -15.45 15.80 4.85
CA PHE B 66 -16.34 16.17 5.98
C PHE B 66 -15.52 16.63 7.19
N LEU B 67 -14.27 17.06 6.98
CA LEU B 67 -13.42 17.62 8.07
C LEU B 67 -13.09 19.08 7.78
N ILE B 68 -13.12 19.92 8.83
CA ILE B 68 -12.95 21.40 8.76
C ILE B 68 -11.92 21.85 9.82
N PHE B 69 -10.90 22.62 9.41
CA PHE B 69 -9.78 23.10 10.29
C PHE B 69 -10.31 24.23 11.19
N ASP B 70 -10.17 24.07 12.51
CA ASP B 70 -10.54 25.10 13.52
C ASP B 70 -9.30 25.49 14.33
N PRO B 71 -8.63 26.60 13.94
CA PRO B 71 -7.43 27.05 14.64
C PRO B 71 -7.77 27.84 15.92
N LYS B 72 -9.05 27.95 16.25
CA LYS B 72 -9.53 28.43 17.57
C LYS B 72 -9.67 27.27 18.55
N LYS B 73 -9.55 26.02 18.06
CA LYS B 73 -10.05 24.82 18.78
C LYS B 73 -8.92 24.18 19.61
N GLU B 74 -9.33 23.40 20.62
CA GLU B 74 -8.45 22.74 21.63
C GLU B 74 -8.57 21.22 21.47
#